data_7NZF
#
_entry.id   7NZF
#
_cell.length_a   71.441
_cell.length_b   71.441
_cell.length_c   138.049
_cell.angle_alpha   90.000
_cell.angle_beta   90.000
_cell.angle_gamma   120.000
#
_symmetry.space_group_name_H-M   'P 32 2 1'
#
loop_
_entity.id
_entity.type
_entity.pdbx_description
1 polymer 'HLA class II histocompatibility antigen, DR alpha chain'
2 polymer 'HLA class II histocompatibility antigen, DR beta chain'
3 polymer 'mutant human collagen type II,259-273'
4 non-polymer 2-acetamido-2-deoxy-beta-D-glucopyranose
5 water water
#
loop_
_entity_poly.entity_id
_entity_poly.type
_entity_poly.pdbx_seq_one_letter_code
_entity_poly.pdbx_strand_id
1 'polypeptide(L)'
;IKEEHVIIQAEFYLNPDQSGEFMFDFDGDEIFHVDMAKKETVWRLEEFGRFASAEAQGALANIAVDKANLEIMTKRSNYT
PITNVPPEVTVLTNSPVELREPNVLICFIDKFTPPVVNVTWLRNGKPVTTGVSETVFLPREDHLFRKFHYLPFLPSTEDV
YDCRVEHWGLDEPLLKHWEF
;
AAA
2 'polypeptide(L)'
;GDTRPRFLEQVKHECHFFNGTERVRFLDRYFYHQEEYVRFDSDVGEYRAVTELGRPDAEYWNSQKDLLEQKRAAVDTYCR
HNYGVGESFTVQRRVYPEVTVYPAKTQPLQHHNLLVCSVNGFYPGSIEVRWFRNGQEEKTGVVSTGLIQNGDWTFQTLVM
LETVPRSGEVYTCQVEHPSLTSPLTVEWRAR
;
BBB
3 'polypeptide(L)' AGFAGEQGPAGEP CCC
#
loop_
_chem_comp.id
_chem_comp.type
_chem_comp.name
_chem_comp.formula
NAG D-saccharide, beta linking 2-acetamido-2-deoxy-beta-D-glucopyranose 'C8 H15 N O6'
#
# COMPACT_ATOMS: atom_id res chain seq x y z
N ILE A 1 -11.69 -13.41 14.48
CA ILE A 1 -11.14 -14.34 13.45
C ILE A 1 -9.72 -13.88 13.08
N LYS A 2 -9.57 -12.68 12.51
CA LYS A 2 -8.37 -12.22 11.77
C LYS A 2 -7.50 -11.33 12.67
N GLU A 3 -6.25 -11.13 12.26
CA GLU A 3 -5.24 -10.28 12.93
C GLU A 3 -5.77 -8.86 13.12
N GLU A 4 -5.22 -8.14 14.08
CA GLU A 4 -5.39 -6.68 14.23
C GLU A 4 -4.52 -5.97 13.18
N HIS A 5 -3.27 -6.43 12.95
CA HIS A 5 -2.27 -5.68 12.14
C HIS A 5 -1.24 -6.57 11.44
N VAL A 6 -0.77 -6.13 10.28
CA VAL A 6 0.36 -6.75 9.53
C VAL A 6 1.44 -5.69 9.30
N ILE A 7 2.70 -6.02 9.57
CA ILE A 7 3.87 -5.22 9.10
C ILE A 7 4.64 -6.04 8.08
N ILE A 8 4.92 -5.45 6.92
CA ILE A 8 5.63 -6.15 5.83
C ILE A 8 6.84 -5.30 5.42
N GLN A 9 8.02 -5.94 5.46
CA GLN A 9 9.26 -5.44 4.82
C GLN A 9 9.26 -6.11 3.45
N ALA A 10 8.90 -5.33 2.44
CA ALA A 10 8.75 -5.78 1.04
C ALA A 10 9.93 -5.23 0.23
N GLU A 11 10.58 -6.12 -0.51
CA GLU A 11 11.71 -5.79 -1.36
C GLU A 11 11.39 -6.32 -2.74
N PHE A 12 11.98 -5.70 -3.76
CA PHE A 12 12.03 -6.33 -5.08
C PHE A 12 13.33 -5.92 -5.76
N TYR A 13 13.72 -6.76 -6.70
CA TYR A 13 14.76 -6.43 -7.70
C TYR A 13 14.24 -6.87 -9.05
N LEU A 14 14.39 -5.96 -10.02
CA LEU A 14 13.92 -6.11 -11.41
C LEU A 14 15.12 -5.99 -12.34
N ASN A 15 15.34 -7.03 -13.13
CA ASN A 15 16.24 -6.99 -14.31
C ASN A 15 15.37 -6.93 -15.56
N PRO A 16 15.83 -6.34 -16.67
CA PRO A 16 17.19 -5.79 -16.77
C PRO A 16 17.35 -4.34 -16.29
N ASP A 17 16.32 -3.79 -15.65
CA ASP A 17 16.21 -2.33 -15.35
C ASP A 17 17.18 -1.99 -14.23
N GLN A 18 17.59 -2.99 -13.44
CA GLN A 18 18.38 -2.84 -12.18
C GLN A 18 17.65 -1.86 -11.23
N SER A 19 16.38 -2.15 -10.96
CA SER A 19 15.52 -1.35 -10.06
C SER A 19 15.33 -2.18 -8.80
N GLY A 20 15.70 -1.60 -7.67
CA GLY A 20 15.49 -2.16 -6.32
C GLY A 20 14.48 -1.32 -5.59
N GLU A 21 13.75 -1.94 -4.67
CA GLU A 21 12.93 -1.22 -3.69
C GLU A 21 13.02 -1.95 -2.37
N PHE A 22 12.97 -1.19 -1.28
CA PHE A 22 12.95 -1.70 0.12
C PHE A 22 12.01 -0.79 0.90
N MET A 23 10.93 -1.34 1.42
CA MET A 23 9.93 -0.50 2.11
C MET A 23 9.29 -1.32 3.24
N PHE A 24 8.83 -0.62 4.27
CA PHE A 24 7.97 -1.16 5.35
C PHE A 24 6.54 -0.67 5.09
N ASP A 25 5.59 -1.59 5.27
CA ASP A 25 4.14 -1.43 5.06
C ASP A 25 3.45 -1.79 6.39
N PHE A 26 2.54 -0.96 6.87
CA PHE A 26 1.73 -1.24 8.09
C PHE A 26 0.28 -1.15 7.64
N ASP A 27 -0.41 -2.27 7.64
CA ASP A 27 -1.85 -2.34 7.27
C ASP A 27 -2.10 -1.66 5.91
N GLY A 28 -1.24 -1.83 4.91
CA GLY A 28 -1.49 -1.20 3.60
C GLY A 28 -0.89 0.20 3.41
N ASP A 29 -0.33 0.84 4.44
CA ASP A 29 0.29 2.18 4.21
C ASP A 29 1.81 2.05 4.39
N GLU A 30 2.57 2.90 3.68
CA GLU A 30 4.06 2.86 3.72
C GLU A 30 4.53 3.64 4.95
N ILE A 31 5.39 3.03 5.76
CA ILE A 31 6.09 3.70 6.89
C ILE A 31 7.30 4.44 6.30
N PHE A 32 8.07 3.73 5.49
CA PHE A 32 9.25 4.31 4.84
C PHE A 32 9.69 3.44 3.67
N HIS A 33 10.54 4.02 2.82
CA HIS A 33 11.37 3.24 1.87
C HIS A 33 12.80 3.77 1.93
N VAL A 34 13.72 3.06 1.30
CA VAL A 34 15.12 3.51 1.12
C VAL A 34 15.27 4.01 -0.32
N ASP A 35 15.70 5.25 -0.48
CA ASP A 35 16.00 5.85 -1.81
C ASP A 35 17.32 5.20 -2.24
N MET A 36 17.30 4.35 -3.28
CA MET A 36 18.49 3.58 -3.72
C MET A 36 19.53 4.51 -4.39
N ALA A 37 19.12 5.71 -4.83
CA ALA A 37 20.02 6.72 -5.44
C ALA A 37 20.78 7.48 -4.34
N LYS A 38 20.07 8.08 -3.37
CA LYS A 38 20.71 8.84 -2.25
C LYS A 38 21.20 7.87 -1.16
N LYS A 39 20.77 6.59 -1.18
CA LYS A 39 21.08 5.56 -0.15
C LYS A 39 20.61 6.11 1.22
N GLU A 40 19.32 6.40 1.35
CA GLU A 40 18.78 7.23 2.46
C GLU A 40 17.39 6.71 2.87
N THR A 41 17.04 6.69 4.15
CA THR A 41 15.65 6.40 4.59
C THR A 41 14.76 7.58 4.22
N VAL A 42 13.62 7.34 3.55
CA VAL A 42 12.60 8.35 3.23
C VAL A 42 11.31 7.96 3.96
N TRP A 43 10.95 8.73 4.97
CA TRP A 43 9.74 8.54 5.82
C TRP A 43 8.52 9.01 5.06
N ARG A 44 7.46 8.20 5.06
CA ARG A 44 6.27 8.50 4.23
C ARG A 44 5.62 9.77 4.78
N LEU A 45 5.55 9.88 6.11
CA LEU A 45 5.22 11.12 6.83
C LEU A 45 6.48 11.55 7.57
N GLU A 46 6.84 12.83 7.48
CA GLU A 46 8.04 13.44 8.11
C GLU A 46 8.22 13.01 9.58
N GLU A 47 7.14 13.07 10.38
CA GLU A 47 7.19 12.87 11.85
C GLU A 47 7.64 11.45 12.20
N PHE A 48 7.37 10.45 11.36
CA PHE A 48 7.87 9.08 11.62
C PHE A 48 9.37 9.12 11.94
N GLY A 49 10.11 9.99 11.24
CA GLY A 49 11.58 10.10 11.40
C GLY A 49 11.98 10.73 12.74
N ARG A 50 11.08 11.49 13.36
CA ARG A 50 11.26 12.04 14.73
C ARG A 50 10.94 10.95 15.78
N PHE A 51 10.15 9.94 15.40
CA PHE A 51 9.67 8.86 16.29
C PHE A 51 10.63 7.66 16.22
N ALA A 52 11.23 7.43 15.06
CA ALA A 52 12.10 6.25 14.82
C ALA A 52 13.20 6.56 13.80
N SER A 53 14.11 5.60 13.67
CA SER A 53 15.24 5.56 12.70
C SER A 53 15.27 4.19 12.01
N ALA A 54 15.84 4.15 10.81
CA ALA A 54 16.27 2.92 10.12
C ALA A 54 17.61 3.19 9.45
N GLU A 55 18.54 2.25 9.60
CA GLU A 55 19.90 2.31 8.97
C GLU A 55 19.76 1.86 7.51
N ALA A 56 19.79 2.80 6.56
CA ALA A 56 19.59 2.56 5.11
C ALA A 56 20.57 1.51 4.60
N GLN A 57 21.80 1.44 5.16
CA GLN A 57 22.89 0.54 4.66
C GLN A 57 22.41 -0.93 4.64
N GLY A 58 21.71 -1.38 5.69
CA GLY A 58 21.22 -2.78 5.78
C GLY A 58 20.29 -3.11 4.61
N ALA A 59 19.54 -2.13 4.15
CA ALA A 59 18.58 -2.33 3.04
C ALA A 59 19.34 -2.50 1.75
N LEU A 60 20.41 -1.73 1.56
CA LEU A 60 21.26 -1.85 0.34
C LEU A 60 21.87 -3.26 0.31
N ALA A 61 22.26 -3.82 1.46
CA ALA A 61 22.83 -5.19 1.55
C ALA A 61 21.74 -6.20 1.17
N ASN A 62 20.52 -6.05 1.67
CA ASN A 62 19.43 -6.99 1.28
C ASN A 62 19.21 -6.93 -0.23
N ILE A 63 19.18 -5.74 -0.82
CA ILE A 63 18.94 -5.57 -2.28
C ILE A 63 20.05 -6.29 -3.09
N ALA A 64 21.32 -6.20 -2.68
CA ALA A 64 22.41 -6.95 -3.33
C ALA A 64 22.05 -8.45 -3.33
N VAL A 65 21.65 -8.97 -2.16
CA VAL A 65 21.27 -10.41 -2.04
C VAL A 65 20.10 -10.69 -2.99
N ASP A 66 19.06 -9.85 -2.98
CA ASP A 66 17.85 -10.03 -3.81
C ASP A 66 18.23 -10.17 -5.29
N LYS A 67 19.17 -9.36 -5.76
CA LYS A 67 19.59 -9.35 -7.18
C LYS A 67 20.33 -10.66 -7.48
N ALA A 68 21.18 -11.15 -6.55
CA ALA A 68 21.94 -12.42 -6.73
C ALA A 68 20.95 -13.59 -6.76
N ASN A 69 20.01 -13.64 -5.80
CA ASN A 69 18.89 -14.62 -5.78
C ASN A 69 18.11 -14.52 -7.09
N LEU A 70 17.86 -13.30 -7.56
CA LEU A 70 17.07 -13.10 -8.80
C LEU A 70 17.77 -13.86 -9.94
N GLU A 71 19.05 -13.56 -10.16
CA GLU A 71 19.83 -14.14 -11.28
C GLU A 71 19.82 -15.67 -11.15
N ILE A 72 20.04 -16.19 -9.93
CA ILE A 72 19.94 -17.64 -9.63
C ILE A 72 18.55 -18.13 -10.01
N MET A 73 17.49 -17.44 -9.60
CA MET A 73 16.09 -17.86 -9.84
C MET A 73 15.70 -17.73 -11.32
N THR A 74 16.28 -16.76 -12.04
CA THR A 74 16.05 -16.55 -13.50
C THR A 74 16.51 -17.78 -14.28
N LYS A 75 17.68 -18.33 -13.90
CA LYS A 75 18.28 -19.54 -14.51
C LYS A 75 17.47 -20.78 -14.09
N ARG A 76 17.09 -20.87 -12.81
CA ARG A 76 16.34 -22.04 -12.31
C ARG A 76 14.97 -22.13 -13.00
N SER A 77 14.45 -21.03 -13.56
CA SER A 77 13.13 -20.94 -14.25
C SER A 77 13.26 -21.22 -15.75
N ASN A 78 14.49 -21.29 -16.26
CA ASN A 78 14.81 -21.39 -17.71
C ASN A 78 14.45 -20.08 -18.41
N TYR A 79 14.63 -18.96 -17.72
CA TYR A 79 14.34 -17.59 -18.21
C TYR A 79 12.85 -17.48 -18.58
N THR A 80 11.98 -17.86 -17.64
CA THR A 80 10.53 -17.57 -17.73
C THR A 80 10.37 -16.09 -17.39
N PRO A 81 10.05 -15.24 -18.40
CA PRO A 81 9.84 -13.83 -18.16
C PRO A 81 8.53 -13.65 -17.38
N ILE A 82 8.36 -12.46 -16.82
CA ILE A 82 7.07 -12.04 -16.20
C ILE A 82 6.10 -11.77 -17.33
N THR A 83 4.82 -12.06 -17.12
CA THR A 83 3.68 -11.58 -17.96
C THR A 83 3.24 -10.20 -17.49
N ASN A 84 3.29 -9.21 -18.37
CA ASN A 84 2.79 -7.85 -18.07
C ASN A 84 1.34 -7.99 -17.58
N VAL A 85 1.01 -7.32 -16.51
CA VAL A 85 -0.41 -7.12 -16.09
C VAL A 85 -0.65 -5.60 -16.11
N PRO A 86 -1.48 -5.09 -17.05
CA PRO A 86 -1.72 -3.65 -17.16
C PRO A 86 -2.49 -3.13 -15.97
N PRO A 87 -2.26 -1.86 -15.54
CA PRO A 87 -2.96 -1.30 -14.38
C PRO A 87 -4.40 -0.86 -14.64
N GLU A 88 -5.22 -0.93 -13.58
CA GLU A 88 -6.46 -0.14 -13.44
C GLU A 88 -6.05 1.26 -12.94
N VAL A 89 -6.64 2.30 -13.51
CA VAL A 89 -6.34 3.71 -13.13
C VAL A 89 -7.63 4.44 -12.74
N THR A 90 -7.63 5.09 -11.60
CA THR A 90 -8.80 5.85 -11.09
C THR A 90 -8.30 7.22 -10.68
N VAL A 91 -9.02 8.28 -11.01
CA VAL A 91 -8.70 9.64 -10.49
C VAL A 91 -9.81 10.07 -9.56
N LEU A 92 -9.49 10.45 -8.33
CA LEU A 92 -10.49 11.00 -7.37
C LEU A 92 -9.86 12.25 -6.75
N THR A 93 -10.67 13.02 -6.03
CA THR A 93 -10.18 14.10 -5.15
C THR A 93 -10.09 13.56 -3.70
N ASN A 94 -9.24 14.21 -2.92
CA ASN A 94 -8.99 14.10 -1.46
C ASN A 94 -10.28 14.40 -0.70
N SER A 95 -11.03 15.40 -1.17
CA SER A 95 -12.24 15.94 -0.50
C SER A 95 -13.24 16.44 -1.52
N PRO A 96 -14.48 16.71 -1.08
CA PRO A 96 -15.50 17.30 -1.91
C PRO A 96 -14.93 18.56 -2.55
N VAL A 97 -15.28 18.73 -3.81
CA VAL A 97 -14.72 19.84 -4.61
C VAL A 97 -15.67 21.02 -4.56
N GLU A 98 -15.10 22.18 -4.24
CA GLU A 98 -15.72 23.51 -4.33
C GLU A 98 -14.81 24.41 -5.17
N LEU A 99 -15.40 25.13 -6.10
CA LEU A 99 -14.70 26.11 -6.96
C LEU A 99 -13.81 27.01 -6.09
N ARG A 100 -12.54 27.17 -6.49
CA ARG A 100 -11.57 28.09 -5.88
C ARG A 100 -11.19 27.65 -4.46
N GLU A 101 -11.47 26.42 -4.05
CA GLU A 101 -11.06 25.95 -2.70
C GLU A 101 -10.03 24.85 -2.91
N PRO A 102 -8.80 25.02 -2.37
CA PRO A 102 -7.72 24.06 -2.60
C PRO A 102 -8.13 22.60 -2.34
N ASN A 103 -7.67 21.70 -3.21
CA ASN A 103 -8.03 20.27 -3.20
C ASN A 103 -6.81 19.50 -3.72
N VAL A 104 -6.92 18.20 -3.82
CA VAL A 104 -5.82 17.33 -4.34
C VAL A 104 -6.45 16.26 -5.23
N LEU A 105 -5.94 16.13 -6.44
CA LEU A 105 -6.29 15.03 -7.34
C LEU A 105 -5.36 13.87 -6.99
N ILE A 106 -5.94 12.68 -6.90
CA ILE A 106 -5.21 11.43 -6.62
C ILE A 106 -5.36 10.55 -7.85
N CYS A 107 -4.25 10.14 -8.44
CA CYS A 107 -4.26 9.14 -9.50
C CYS A 107 -3.84 7.81 -8.86
N PHE A 108 -4.79 6.88 -8.75
CA PHE A 108 -4.54 5.54 -8.18
C PHE A 108 -4.27 4.54 -9.30
N ILE A 109 -3.07 3.96 -9.29
CA ILE A 109 -2.65 3.00 -10.35
C ILE A 109 -2.55 1.65 -9.65
N ASP A 110 -3.34 0.67 -10.06
CA ASP A 110 -3.55 -0.53 -9.21
C ASP A 110 -3.48 -1.83 -10.03
N LYS A 111 -3.12 -2.92 -9.33
CA LYS A 111 -3.17 -4.32 -9.85
C LYS A 111 -2.31 -4.45 -11.10
N PHE A 112 -1.04 -4.06 -11.04
CA PHE A 112 -0.15 -4.14 -12.22
C PHE A 112 1.19 -4.74 -11.84
N THR A 113 1.86 -5.23 -12.86
CA THR A 113 3.26 -5.69 -12.80
C THR A 113 3.76 -5.76 -14.25
N PRO A 114 5.07 -5.58 -14.50
CA PRO A 114 6.09 -5.28 -13.47
C PRO A 114 6.01 -3.88 -12.89
N PRO A 115 6.79 -3.58 -11.83
CA PRO A 115 6.74 -2.30 -11.14
C PRO A 115 7.54 -1.25 -11.91
N VAL A 116 7.07 -0.87 -13.08
CA VAL A 116 7.65 0.23 -13.89
C VAL A 116 6.47 0.92 -14.58
N VAL A 117 6.32 2.23 -14.36
CA VAL A 117 5.29 3.05 -15.07
C VAL A 117 5.93 4.40 -15.37
N ASN A 118 5.46 5.07 -16.42
CA ASN A 118 5.66 6.54 -16.56
C ASN A 118 4.30 7.21 -16.35
N VAL A 119 4.21 8.11 -15.39
CA VAL A 119 2.93 8.80 -15.03
C VAL A 119 3.13 10.30 -15.24
N THR A 120 2.26 10.92 -16.04
CA THR A 120 2.25 12.40 -16.20
C THR A 120 0.87 12.96 -15.79
N TRP A 121 0.85 13.97 -14.92
CA TRP A 121 -0.33 14.85 -14.77
C TRP A 121 -0.41 15.82 -15.96
N LEU A 122 -1.60 15.95 -16.56
CA LEU A 122 -1.83 16.90 -17.68
C LEU A 122 -2.92 17.87 -17.23
N ARG A 123 -2.60 19.15 -17.24
CA ARG A 123 -3.61 20.21 -17.04
C ARG A 123 -3.82 20.85 -18.41
N ASN A 124 -5.03 20.72 -18.92
CA ASN A 124 -5.40 21.19 -20.28
C ASN A 124 -4.39 20.67 -21.30
N GLY A 125 -4.05 19.39 -21.22
CA GLY A 125 -3.16 18.68 -22.15
C GLY A 125 -1.68 18.95 -21.90
N LYS A 126 -1.30 19.78 -20.92
CA LYS A 126 0.12 20.16 -20.69
C LYS A 126 0.63 19.49 -19.42
N PRO A 127 1.86 18.89 -19.48
CA PRO A 127 2.48 18.28 -18.30
C PRO A 127 2.63 19.25 -17.13
N VAL A 128 2.30 18.76 -15.95
CA VAL A 128 2.56 19.45 -14.66
C VAL A 128 3.73 18.73 -13.98
N THR A 129 4.90 19.35 -13.90
CA THR A 129 6.15 18.68 -13.42
C THR A 129 6.77 19.41 -12.22
N THR A 130 6.06 20.34 -11.60
CA THR A 130 6.40 20.95 -10.29
C THR A 130 5.16 20.86 -9.38
N GLY A 131 5.37 20.68 -8.08
CA GLY A 131 4.28 20.63 -7.09
C GLY A 131 3.36 19.46 -7.36
N VAL A 132 3.92 18.33 -7.75
CA VAL A 132 3.21 17.02 -7.78
C VAL A 132 4.04 16.09 -6.91
N SER A 133 3.47 14.96 -6.51
CA SER A 133 4.23 13.96 -5.71
C SER A 133 3.73 12.55 -6.03
N GLU A 134 4.46 11.55 -5.54
CA GLU A 134 4.10 10.15 -5.87
C GLU A 134 4.65 9.26 -4.75
N THR A 135 4.11 8.06 -4.72
CA THR A 135 4.62 6.99 -3.83
C THR A 135 5.53 6.10 -4.64
N VAL A 136 6.34 5.30 -3.95
CA VAL A 136 7.00 4.14 -4.62
C VAL A 136 5.92 3.09 -4.93
N PHE A 137 6.37 1.93 -5.41
CA PHE A 137 5.49 0.78 -5.75
C PHE A 137 5.08 0.12 -4.45
N LEU A 138 3.78 0.10 -4.15
CA LEU A 138 3.29 -0.52 -2.90
C LEU A 138 2.87 -1.95 -3.19
N PRO A 139 3.22 -2.89 -2.29
CA PRO A 139 2.92 -4.30 -2.49
C PRO A 139 1.44 -4.60 -2.30
N ARG A 140 0.94 -5.56 -3.04
CA ARG A 140 -0.44 -6.10 -2.88
C ARG A 140 -0.33 -7.53 -2.39
N GLU A 141 -1.39 -8.02 -1.76
CA GLU A 141 -1.48 -9.41 -1.22
C GLU A 141 -1.48 -10.43 -2.37
N ASP A 142 -1.86 -10.01 -3.59
CA ASP A 142 -1.76 -10.88 -4.80
C ASP A 142 -0.39 -10.68 -5.46
N HIS A 143 0.51 -9.90 -4.84
CA HIS A 143 1.93 -9.80 -5.28
C HIS A 143 2.05 -9.04 -6.61
N LEU A 144 0.97 -8.36 -6.99
CA LEU A 144 0.99 -7.21 -7.94
C LEU A 144 1.34 -5.92 -7.17
N PHE A 145 1.27 -4.77 -7.85
CA PHE A 145 1.66 -3.48 -7.21
C PHE A 145 0.56 -2.46 -7.38
N ARG A 146 0.61 -1.45 -6.53
CA ARG A 146 -0.16 -0.21 -6.70
C ARG A 146 0.76 0.97 -6.44
N LYS A 147 0.26 2.13 -6.81
CA LYS A 147 1.03 3.38 -6.71
C LYS A 147 0.05 4.54 -6.70
N PHE A 148 0.46 5.64 -6.07
CA PHE A 148 -0.37 6.88 -6.02
C PHE A 148 0.45 8.07 -6.50
N HIS A 149 -0.20 8.94 -7.24
CA HIS A 149 0.36 10.23 -7.69
C HIS A 149 -0.62 11.29 -7.25
N TYR A 150 -0.13 12.46 -6.92
CA TYR A 150 -0.93 13.53 -6.29
C TYR A 150 -0.70 14.85 -7.02
N LEU A 151 -1.78 15.63 -7.17
CA LEU A 151 -1.73 16.99 -7.76
C LEU A 151 -2.60 17.92 -6.95
N PRO A 152 -2.00 18.73 -6.06
CA PRO A 152 -2.68 19.84 -5.40
C PRO A 152 -3.16 20.81 -6.49
N PHE A 153 -4.41 21.27 -6.40
CA PHE A 153 -5.00 22.15 -7.44
C PHE A 153 -6.10 23.03 -6.85
N LEU A 154 -6.44 24.05 -7.64
CA LEU A 154 -7.53 25.00 -7.34
C LEU A 154 -8.65 24.72 -8.33
N PRO A 155 -9.73 24.06 -7.89
CA PRO A 155 -10.84 23.74 -8.78
C PRO A 155 -11.37 24.99 -9.48
N SER A 156 -11.64 24.80 -10.79
CA SER A 156 -12.06 25.84 -11.77
C SER A 156 -13.00 25.20 -12.81
N THR A 157 -13.93 25.95 -13.37
CA THR A 157 -14.76 25.50 -14.52
C THR A 157 -13.91 25.44 -15.77
N GLU A 158 -12.74 26.07 -15.81
CA GLU A 158 -12.02 26.31 -17.08
C GLU A 158 -11.01 25.20 -17.37
N ASP A 159 -10.65 24.39 -16.37
CA ASP A 159 -9.49 23.48 -16.49
C ASP A 159 -10.00 22.05 -16.61
N VAL A 160 -9.29 21.21 -17.32
CA VAL A 160 -9.52 19.75 -17.32
C VAL A 160 -8.18 19.11 -16.97
N TYR A 161 -8.23 17.93 -16.38
CA TYR A 161 -7.03 17.15 -16.00
C TYR A 161 -7.12 15.73 -16.53
N ASP A 162 -5.94 15.20 -16.81
CA ASP A 162 -5.79 13.76 -17.10
C ASP A 162 -4.57 13.25 -16.32
N CYS A 163 -4.69 12.05 -15.79
CA CYS A 163 -3.53 11.26 -15.35
C CYS A 163 -3.19 10.35 -16.53
N ARG A 164 -2.00 10.54 -17.11
CA ARG A 164 -1.56 9.74 -18.27
C ARG A 164 -0.62 8.64 -17.77
N VAL A 165 -0.91 7.39 -18.10
CA VAL A 165 -0.15 6.23 -17.56
C VAL A 165 0.39 5.41 -18.73
N GLU A 166 1.69 5.12 -18.71
CA GLU A 166 2.35 4.17 -19.63
C GLU A 166 2.90 2.99 -18.86
N HIS A 167 2.68 1.80 -19.39
CA HIS A 167 3.03 0.51 -18.75
C HIS A 167 3.11 -0.51 -19.87
N TRP A 168 4.01 -1.48 -19.75
CA TRP A 168 4.28 -2.39 -20.90
C TRP A 168 3.06 -3.29 -21.17
N GLY A 169 2.17 -3.45 -20.20
CA GLY A 169 0.95 -4.25 -20.38
C GLY A 169 -0.10 -3.54 -21.21
N LEU A 170 0.00 -2.23 -21.44
CA LEU A 170 -1.02 -1.48 -22.22
C LEU A 170 -0.54 -1.47 -23.67
N ASP A 171 -1.43 -1.18 -24.62
CA ASP A 171 -1.08 -1.08 -26.07
C ASP A 171 -0.73 0.39 -26.37
N GLU A 172 -1.35 1.32 -25.66
CA GLU A 172 -1.16 2.80 -25.83
C GLU A 172 -1.20 3.42 -24.44
N PRO A 173 -0.77 4.69 -24.27
CA PRO A 173 -0.92 5.34 -22.98
C PRO A 173 -2.42 5.46 -22.63
N LEU A 174 -2.72 5.32 -21.35
CA LEU A 174 -4.07 5.41 -20.77
C LEU A 174 -4.22 6.81 -20.20
N LEU A 175 -5.22 7.57 -20.62
CA LEU A 175 -5.55 8.86 -19.99
C LEU A 175 -6.81 8.67 -19.13
N LYS A 176 -6.69 8.96 -17.85
CA LYS A 176 -7.87 8.99 -16.96
C LYS A 176 -8.21 10.46 -16.68
N HIS A 177 -9.43 10.86 -17.05
CA HIS A 177 -9.91 12.26 -17.08
C HIS A 177 -10.58 12.69 -15.77
N TRP A 178 -10.36 13.92 -15.34
CA TRP A 178 -11.16 14.60 -14.30
C TRP A 178 -11.48 16.04 -14.73
N GLU A 179 -12.73 16.47 -14.51
CA GLU A 179 -13.12 17.89 -14.70
C GLU A 179 -14.27 18.23 -13.77
N PHE A 180 -14.42 19.51 -13.46
CA PHE A 180 -15.49 19.98 -12.53
C PHE A 180 -16.88 19.69 -13.13
N ASP B 2 10.40 -0.52 -25.44
CA ASP B 2 11.26 -1.50 -24.72
C ASP B 2 10.48 -2.81 -24.58
N THR B 3 10.86 -3.78 -25.40
CA THR B 3 10.23 -5.10 -25.67
C THR B 3 10.90 -6.20 -24.83
N ARG B 4 12.07 -5.94 -24.26
CA ARG B 4 12.95 -6.94 -23.59
C ARG B 4 12.24 -7.57 -22.38
N PRO B 5 12.40 -8.91 -22.19
CA PRO B 5 11.72 -9.63 -21.12
C PRO B 5 12.18 -9.18 -19.73
N ARG B 6 11.25 -9.11 -18.76
CA ARG B 6 11.62 -8.70 -17.37
C ARG B 6 11.61 -9.90 -16.41
N PHE B 7 12.44 -9.78 -15.40
CA PHE B 7 12.65 -10.79 -14.33
C PHE B 7 12.63 -10.06 -12.99
N LEU B 8 11.68 -10.48 -12.12
CA LEU B 8 11.32 -9.82 -10.85
C LEU B 8 11.54 -10.80 -9.69
N GLU B 9 12.35 -10.42 -8.71
CA GLU B 9 12.48 -11.12 -7.41
C GLU B 9 11.79 -10.28 -6.35
N GLN B 10 10.92 -10.89 -5.54
CA GLN B 10 10.24 -10.20 -4.41
C GLN B 10 10.55 -10.97 -3.13
N VAL B 11 10.74 -10.24 -2.05
CA VAL B 11 10.87 -10.84 -0.70
C VAL B 11 9.93 -10.05 0.21
N LYS B 12 9.10 -10.77 0.95
CA LYS B 12 8.17 -10.18 1.93
C LYS B 12 8.44 -10.85 3.27
N HIS B 13 9.02 -10.09 4.19
CA HIS B 13 9.17 -10.47 5.62
C HIS B 13 7.91 -9.96 6.34
N GLU B 14 7.00 -10.86 6.69
CA GLU B 14 5.66 -10.47 7.20
C GLU B 14 5.54 -10.76 8.70
N CYS B 15 5.03 -9.80 9.46
CA CYS B 15 4.67 -9.94 10.90
C CYS B 15 3.17 -9.74 11.07
N HIS B 16 2.45 -10.80 11.46
CA HIS B 16 0.99 -10.72 11.71
C HIS B 16 0.76 -10.70 13.21
N PHE B 17 0.08 -9.67 13.72
CA PHE B 17 -0.17 -9.43 15.17
C PHE B 17 -1.64 -9.71 15.50
N PHE B 18 -1.89 -10.63 16.43
CA PHE B 18 -3.22 -11.00 16.96
C PHE B 18 -3.26 -10.70 18.47
N ASN B 19 -4.24 -9.89 18.91
CA ASN B 19 -4.49 -9.50 20.33
C ASN B 19 -3.27 -8.70 20.81
N GLY B 20 -3.04 -7.56 20.19
CA GLY B 20 -1.76 -6.82 20.33
C GLY B 20 -0.61 -7.71 19.89
N THR B 21 0.31 -8.05 20.80
CA THR B 21 1.50 -8.89 20.50
C THR B 21 1.41 -10.27 21.17
N GLU B 22 0.27 -10.59 21.79
CA GLU B 22 0.05 -11.87 22.51
C GLU B 22 0.39 -13.05 21.56
N ARG B 23 -0.14 -13.02 20.34
CA ARG B 23 0.11 -14.04 19.29
C ARG B 23 0.71 -13.31 18.08
N VAL B 24 1.80 -13.84 17.54
CA VAL B 24 2.50 -13.25 16.36
C VAL B 24 2.85 -14.39 15.41
N ARG B 25 2.55 -14.21 14.13
CA ARG B 25 3.01 -15.10 13.03
C ARG B 25 4.00 -14.34 12.15
N PHE B 26 5.18 -14.95 11.92
CA PHE B 26 6.26 -14.49 11.01
C PHE B 26 6.31 -15.38 9.77
N LEU B 27 6.24 -14.77 8.58
CA LEU B 27 6.51 -15.42 7.27
C LEU B 27 7.68 -14.70 6.59
N ASP B 28 8.69 -15.46 6.18
CA ASP B 28 9.71 -15.05 5.18
C ASP B 28 9.23 -15.68 3.87
N ARG B 29 8.79 -14.86 2.92
CA ARG B 29 8.20 -15.33 1.64
C ARG B 29 9.06 -14.83 0.47
N TYR B 30 9.42 -15.73 -0.44
CA TYR B 30 10.27 -15.46 -1.63
C TYR B 30 9.41 -15.64 -2.86
N PHE B 31 9.52 -14.73 -3.79
CA PHE B 31 8.67 -14.71 -5.01
C PHE B 31 9.52 -14.45 -6.25
N TYR B 32 9.27 -15.23 -7.29
CA TYR B 32 9.79 -15.01 -8.67
C TYR B 32 8.58 -14.58 -9.50
N HIS B 33 8.60 -13.32 -9.94
CA HIS B 33 7.43 -12.61 -10.52
C HIS B 33 6.39 -12.54 -9.40
N GLN B 34 5.26 -13.25 -9.52
CA GLN B 34 4.25 -13.34 -8.42
C GLN B 34 4.33 -14.69 -7.73
N GLU B 35 5.24 -15.55 -8.16
CA GLU B 35 5.21 -17.00 -7.83
C GLU B 35 5.99 -17.20 -6.53
N GLU B 36 5.29 -17.20 -5.39
CA GLU B 36 5.88 -17.65 -4.10
C GLU B 36 6.50 -19.03 -4.33
N TYR B 37 7.82 -19.15 -4.22
CA TYR B 37 8.56 -20.40 -4.51
C TYR B 37 9.02 -21.06 -3.21
N VAL B 38 9.23 -20.31 -2.13
CA VAL B 38 9.60 -20.85 -0.79
C VAL B 38 9.07 -19.91 0.29
N ARG B 39 8.98 -20.41 1.52
CA ARG B 39 8.66 -19.57 2.70
C ARG B 39 9.15 -20.23 4.00
N PHE B 40 9.39 -19.39 5.02
CA PHE B 40 9.52 -19.79 6.43
C PHE B 40 8.27 -19.33 7.18
N ASP B 41 7.51 -20.28 7.69
CA ASP B 41 6.28 -19.99 8.49
C ASP B 41 6.66 -20.30 9.92
N SER B 42 6.65 -19.29 10.79
CA SER B 42 6.96 -19.47 12.23
C SER B 42 6.20 -20.68 12.76
N ASP B 43 4.90 -20.79 12.47
CA ASP B 43 4.00 -21.89 12.93
C ASP B 43 4.54 -23.25 12.44
N VAL B 44 5.21 -23.28 11.27
CA VAL B 44 5.81 -24.51 10.67
C VAL B 44 7.20 -24.74 11.29
N GLY B 45 8.03 -23.69 11.36
CA GLY B 45 9.31 -23.67 12.09
C GLY B 45 10.49 -24.06 11.21
N GLU B 46 10.26 -24.31 9.92
CA GLU B 46 11.33 -24.55 8.93
C GLU B 46 10.85 -24.00 7.58
N TYR B 47 11.75 -23.92 6.60
CA TYR B 47 11.44 -23.50 5.21
C TYR B 47 10.67 -24.63 4.52
N ARG B 48 9.64 -24.26 3.76
CA ARG B 48 8.87 -25.20 2.89
C ARG B 48 8.88 -24.66 1.46
N ALA B 49 9.28 -25.48 0.48
CA ALA B 49 9.21 -25.12 -0.95
C ALA B 49 7.74 -25.07 -1.35
N VAL B 50 7.32 -23.99 -2.03
CA VAL B 50 5.91 -23.75 -2.47
C VAL B 50 5.81 -24.24 -3.91
N THR B 51 5.76 -23.35 -4.91
CA THR B 51 6.04 -23.73 -6.32
C THR B 51 7.48 -24.22 -6.37
N GLU B 52 7.68 -25.54 -6.48
CA GLU B 52 8.92 -26.27 -6.13
C GLU B 52 10.15 -25.80 -6.91
N LEU B 53 10.15 -24.58 -7.45
CA LEU B 53 11.40 -23.90 -7.89
C LEU B 53 12.24 -23.57 -6.65
N GLY B 54 11.64 -23.64 -5.46
CA GLY B 54 12.31 -23.40 -4.16
C GLY B 54 12.95 -24.64 -3.54
N ARG B 55 12.99 -25.77 -4.26
CA ARG B 55 13.44 -27.06 -3.67
C ARG B 55 14.86 -26.89 -3.14
N PRO B 56 15.81 -26.47 -4.00
CA PRO B 56 17.19 -26.22 -3.55
C PRO B 56 17.23 -25.36 -2.30
N ASP B 57 16.51 -24.24 -2.32
CA ASP B 57 16.55 -23.21 -1.25
C ASP B 57 15.97 -23.81 0.02
N ALA B 58 14.88 -24.56 -0.09
CA ALA B 58 14.29 -25.31 1.06
C ALA B 58 15.39 -26.14 1.73
N GLU B 59 16.06 -27.05 1.01
CA GLU B 59 17.11 -27.96 1.57
C GLU B 59 18.25 -27.14 2.15
N TYR B 60 18.89 -26.31 1.31
CA TYR B 60 20.15 -25.60 1.62
C TYR B 60 19.93 -24.71 2.84
N TRP B 61 18.81 -24.01 2.88
CA TRP B 61 18.49 -23.09 4.02
C TRP B 61 18.16 -23.93 5.25
N ASN B 62 17.39 -25.01 5.11
CA ASN B 62 16.99 -25.89 6.25
C ASN B 62 18.18 -26.69 6.79
N SER B 63 19.30 -26.78 6.05
CA SER B 63 20.53 -27.48 6.48
C SER B 63 21.50 -26.52 7.20
N GLN B 64 21.14 -25.24 7.36
CA GLN B 64 21.98 -24.21 8.04
C GLN B 64 21.37 -23.86 9.39
N LYS B 65 21.42 -24.77 10.37
CA LYS B 65 20.65 -24.70 11.64
C LYS B 65 20.83 -23.34 12.36
N ASP B 66 21.91 -22.63 12.09
CA ASP B 66 22.18 -21.24 12.54
C ASP B 66 21.04 -20.32 12.06
N LEU B 67 20.82 -20.32 10.75
CA LEU B 67 19.68 -19.62 10.09
C LEU B 67 18.37 -19.93 10.80
N LEU B 68 18.11 -21.19 11.13
CA LEU B 68 16.76 -21.61 11.61
C LEU B 68 16.48 -20.92 12.96
N GLU B 69 17.42 -20.98 13.90
CA GLU B 69 17.25 -20.36 15.24
C GLU B 69 17.11 -18.83 15.06
N GLN B 70 17.82 -18.24 14.11
CA GLN B 70 17.63 -16.82 13.73
C GLN B 70 16.16 -16.59 13.39
N LYS B 71 15.64 -17.41 12.48
CA LYS B 71 14.28 -17.24 11.90
C LYS B 71 13.23 -17.63 12.94
N ARG B 72 13.49 -18.66 13.75
CA ARG B 72 12.55 -19.15 14.80
C ARG B 72 12.41 -18.05 15.87
N ALA B 73 13.42 -17.17 15.98
CA ALA B 73 13.50 -16.08 16.98
C ALA B 73 12.88 -14.79 16.44
N ALA B 74 12.62 -14.71 15.14
CA ALA B 74 12.23 -13.47 14.41
C ALA B 74 10.95 -12.88 15.02
N VAL B 75 10.05 -13.72 15.51
CA VAL B 75 8.76 -13.26 16.10
C VAL B 75 9.05 -12.36 17.32
N ASP B 76 10.17 -12.59 18.02
CA ASP B 76 10.66 -11.75 19.16
C ASP B 76 11.62 -10.64 18.64
N THR B 77 12.73 -11.03 18.01
CA THR B 77 13.84 -10.10 17.62
C THR B 77 13.40 -9.13 16.51
N TYR B 78 12.49 -9.57 15.63
CA TYR B 78 12.05 -8.81 14.43
C TYR B 78 10.64 -8.24 14.64
N CYS B 79 9.62 -9.11 14.67
CA CYS B 79 8.18 -8.72 14.74
C CYS B 79 7.87 -7.94 16.03
N ARG B 80 8.03 -8.54 17.21
CA ARG B 80 7.60 -7.86 18.46
C ARG B 80 8.44 -6.59 18.65
N HIS B 81 9.72 -6.63 18.29
CA HIS B 81 10.62 -5.44 18.39
C HIS B 81 10.00 -4.29 17.58
N ASN B 82 9.76 -4.52 16.29
CA ASN B 82 9.29 -3.48 15.34
C ASN B 82 7.91 -2.99 15.77
N TYR B 83 7.06 -3.88 16.27
CA TYR B 83 5.71 -3.49 16.76
C TYR B 83 5.88 -2.40 17.82
N GLY B 84 6.74 -2.67 18.81
CA GLY B 84 7.14 -1.75 19.88
C GLY B 84 7.58 -0.41 19.35
N VAL B 85 8.55 -0.42 18.43
CA VAL B 85 9.12 0.82 17.82
C VAL B 85 7.98 1.62 17.20
N GLY B 86 7.12 0.97 16.40
CA GLY B 86 6.10 1.63 15.55
C GLY B 86 4.79 1.89 16.27
N GLU B 87 4.50 1.17 17.36
CA GLU B 87 3.15 1.16 18.00
C GLU B 87 2.52 2.57 18.07
N SER B 88 3.30 3.54 18.55
CA SER B 88 2.85 4.88 19.00
C SER B 88 2.21 5.64 17.85
N PHE B 89 2.78 5.53 16.64
CA PHE B 89 2.43 6.38 15.48
C PHE B 89 1.72 5.51 14.41
N THR B 90 1.46 4.23 14.69
CA THR B 90 0.76 3.32 13.74
C THR B 90 -0.49 2.78 14.41
N VAL B 91 -0.30 1.76 15.26
CA VAL B 91 -1.40 1.08 16.00
C VAL B 91 -2.26 2.15 16.68
N GLN B 92 -1.63 3.19 17.24
CA GLN B 92 -2.34 4.17 18.10
C GLN B 92 -2.67 5.42 17.29
N ARG B 93 -2.27 5.50 16.02
CA ARG B 93 -2.59 6.67 15.17
C ARG B 93 -4.11 6.81 15.08
N ARG B 94 -4.61 8.01 15.36
CA ARG B 94 -6.04 8.36 15.27
C ARG B 94 -6.11 9.77 14.68
N VAL B 95 -6.81 9.86 13.55
CA VAL B 95 -7.11 11.13 12.82
C VAL B 95 -8.61 11.14 12.56
N TYR B 96 -9.27 12.22 12.97
CA TYR B 96 -10.75 12.40 12.89
C TYR B 96 -11.24 12.40 11.46
N PRO B 97 -12.43 11.82 11.20
CA PRO B 97 -13.11 12.04 9.94
C PRO B 97 -13.65 13.47 9.85
N GLU B 98 -13.60 14.04 8.65
CA GLU B 98 -14.41 15.24 8.28
C GLU B 98 -15.62 14.75 7.48
N VAL B 99 -16.81 15.28 7.75
CA VAL B 99 -18.07 14.77 7.16
C VAL B 99 -18.76 15.91 6.43
N THR B 100 -19.15 15.67 5.17
CA THR B 100 -19.86 16.64 4.30
C THR B 100 -21.04 15.94 3.67
N VAL B 101 -22.21 16.56 3.77
CA VAL B 101 -23.42 16.01 3.13
C VAL B 101 -23.85 16.98 2.03
N TYR B 102 -24.18 16.46 0.86
CA TYR B 102 -24.72 17.24 -0.27
C TYR B 102 -25.49 16.32 -1.20
N PRO B 103 -26.54 16.84 -1.86
CA PRO B 103 -27.21 16.12 -2.96
C PRO B 103 -26.26 15.94 -4.15
N ALA B 104 -26.25 14.78 -4.81
CA ALA B 104 -25.32 14.49 -5.94
C ALA B 104 -25.65 15.42 -7.13
N ASN B 113 -33.24 11.47 -5.98
CA ASN B 113 -31.85 11.98 -5.80
C ASN B 113 -30.96 11.01 -5.00
N LEU B 114 -29.66 11.19 -5.06
CA LEU B 114 -28.69 10.54 -4.17
C LEU B 114 -28.21 11.61 -3.20
N LEU B 115 -28.35 11.37 -1.91
CA LEU B 115 -27.79 12.26 -0.88
C LEU B 115 -26.45 11.69 -0.45
N VAL B 116 -25.40 12.47 -0.65
CA VAL B 116 -24.02 11.97 -0.46
C VAL B 116 -23.55 12.29 0.96
N CYS B 117 -23.09 11.28 1.71
CA CYS B 117 -22.31 11.51 2.92
C CYS B 117 -20.84 11.22 2.57
N SER B 118 -20.06 12.27 2.40
CA SER B 118 -18.60 12.23 2.10
C SER B 118 -17.82 12.28 3.41
N VAL B 119 -17.13 11.20 3.72
CA VAL B 119 -16.36 11.05 5.00
C VAL B 119 -14.88 10.97 4.63
N ASN B 120 -14.08 11.92 5.10
CA ASN B 120 -12.74 12.21 4.54
C ASN B 120 -11.68 12.37 5.64
N GLY B 121 -10.46 11.89 5.35
CA GLY B 121 -9.20 12.23 6.04
C GLY B 121 -9.01 11.45 7.33
N PHE B 122 -9.70 10.34 7.53
CA PHE B 122 -9.69 9.61 8.81
C PHE B 122 -8.65 8.46 8.79
N TYR B 123 -8.23 8.10 9.99
CA TYR B 123 -7.31 6.98 10.27
C TYR B 123 -7.65 6.49 11.68
N PRO B 124 -7.76 5.16 11.95
CA PRO B 124 -7.58 4.11 10.94
C PRO B 124 -8.84 3.91 10.05
N GLY B 125 -8.83 2.82 9.27
CA GLY B 125 -9.83 2.49 8.24
C GLY B 125 -11.16 2.05 8.82
N SER B 126 -11.17 1.47 10.01
CA SER B 126 -12.39 1.02 10.71
C SER B 126 -13.36 2.19 10.92
N ILE B 127 -14.60 2.06 10.42
CA ILE B 127 -15.61 3.16 10.49
C ILE B 127 -17.01 2.60 10.21
N GLU B 128 -18.01 3.25 10.80
CA GLU B 128 -19.42 2.90 10.49
C GLU B 128 -20.12 4.20 10.12
N VAL B 129 -20.71 4.18 8.93
CA VAL B 129 -21.44 5.35 8.37
C VAL B 129 -22.89 4.92 8.16
N ARG B 130 -23.80 5.59 8.85
CA ARG B 130 -25.23 5.24 8.91
C ARG B 130 -26.05 6.45 8.45
N TRP B 131 -27.08 6.17 7.65
CA TRP B 131 -28.07 7.16 7.20
C TRP B 131 -29.37 6.98 8.02
N PHE B 132 -29.93 8.10 8.44
CA PHE B 132 -31.21 8.21 9.16
C PHE B 132 -32.15 9.10 8.34
N ARG B 133 -33.39 8.66 8.20
CA ARG B 133 -34.47 9.53 7.66
C ARG B 133 -35.46 9.72 8.80
N ASN B 134 -35.71 10.97 9.17
CA ASN B 134 -36.57 11.33 10.31
C ASN B 134 -36.21 10.43 11.51
N GLY B 135 -34.91 10.26 11.76
CA GLY B 135 -34.36 9.64 12.98
C GLY B 135 -34.36 8.13 12.93
N GLN B 136 -34.83 7.53 11.83
CA GLN B 136 -34.84 6.06 11.64
C GLN B 136 -33.77 5.63 10.65
N GLU B 137 -33.01 4.59 11.01
CA GLU B 137 -31.89 4.14 10.17
C GLU B 137 -32.44 3.58 8.85
N GLU B 138 -31.94 4.10 7.74
CA GLU B 138 -32.19 3.60 6.38
C GLU B 138 -31.23 2.45 6.09
N LYS B 139 -31.79 1.25 5.92
CA LYS B 139 -31.10 -0.06 5.75
C LYS B 139 -31.25 -0.58 4.31
N THR B 140 -31.83 0.22 3.41
CA THR B 140 -31.98 -0.07 1.96
C THR B 140 -31.64 1.20 1.22
N GLY B 141 -31.37 1.11 -0.08
CA GLY B 141 -31.12 2.28 -0.94
C GLY B 141 -29.82 2.98 -0.58
N VAL B 142 -28.84 2.29 0.03
CA VAL B 142 -27.52 2.88 0.37
C VAL B 142 -26.45 2.35 -0.62
N VAL B 143 -25.85 3.29 -1.35
CA VAL B 143 -24.84 3.04 -2.41
C VAL B 143 -23.51 3.52 -1.85
N SER B 144 -22.62 2.58 -1.55
CA SER B 144 -21.35 2.90 -0.86
C SER B 144 -20.15 2.58 -1.76
N THR B 145 -19.16 3.45 -1.69
CA THR B 145 -17.83 3.26 -2.27
C THR B 145 -17.07 2.13 -1.53
N GLY B 146 -17.42 1.89 -0.29
CA GLY B 146 -16.56 1.21 0.70
C GLY B 146 -15.35 2.08 1.04
N LEU B 147 -14.35 1.48 1.65
CA LEU B 147 -13.18 2.18 2.20
C LEU B 147 -12.21 2.44 1.05
N ILE B 148 -11.80 3.68 0.92
CA ILE B 148 -10.80 4.10 -0.11
C ILE B 148 -9.53 4.51 0.65
N GLN B 149 -8.40 3.85 0.37
CA GLN B 149 -7.07 4.22 0.93
C GLN B 149 -6.50 5.38 0.09
N ASN B 150 -6.06 6.48 0.70
CA ASN B 150 -5.59 7.64 -0.09
C ASN B 150 -4.07 7.50 -0.33
N GLY B 151 -3.42 6.54 0.34
CA GLY B 151 -1.98 6.27 0.16
C GLY B 151 -1.10 7.17 1.02
N ASP B 152 -1.71 8.05 1.81
CA ASP B 152 -1.04 9.04 2.69
C ASP B 152 -1.47 8.87 4.16
N TRP B 153 -1.82 7.66 4.62
CA TRP B 153 -2.23 7.33 6.03
C TRP B 153 -3.57 8.01 6.32
N THR B 154 -4.37 8.26 5.28
CA THR B 154 -5.78 8.72 5.44
C THR B 154 -6.67 7.87 4.52
N PHE B 155 -7.94 7.80 4.89
CA PHE B 155 -8.99 7.08 4.13
C PHE B 155 -10.13 8.05 3.81
N GLN B 156 -10.94 7.65 2.85
CA GLN B 156 -12.25 8.29 2.61
C GLN B 156 -13.28 7.21 2.27
N THR B 157 -14.55 7.58 2.39
CA THR B 157 -15.67 6.76 1.90
C THR B 157 -16.83 7.72 1.56
N LEU B 158 -17.53 7.41 0.49
CA LEU B 158 -18.74 8.14 0.06
C LEU B 158 -19.90 7.14 0.16
N VAL B 159 -20.84 7.51 1.00
CA VAL B 159 -22.02 6.67 1.33
C VAL B 159 -23.26 7.47 0.97
N MET B 160 -23.94 7.02 -0.08
CA MET B 160 -24.99 7.79 -0.78
C MET B 160 -26.32 7.11 -0.49
N LEU B 161 -27.32 7.91 -0.14
CA LEU B 161 -28.68 7.41 0.17
C LEU B 161 -29.62 7.76 -0.99
N GLU B 162 -30.32 6.79 -1.55
CA GLU B 162 -31.41 7.03 -2.56
C GLU B 162 -32.54 7.72 -1.77
N THR B 163 -32.90 8.94 -2.16
CA THR B 163 -34.02 9.71 -1.55
C THR B 163 -35.06 10.02 -2.62
N VAL B 164 -36.27 10.24 -2.16
CA VAL B 164 -37.32 11.01 -2.90
C VAL B 164 -37.68 12.16 -1.96
N GLU B 169 -38.62 17.06 5.85
CA GLU B 169 -37.88 15.84 6.26
C GLU B 169 -36.48 16.19 6.74
N VAL B 170 -35.92 15.44 7.69
CA VAL B 170 -34.49 15.61 8.06
C VAL B 170 -33.75 14.28 7.83
N TYR B 171 -32.65 14.37 7.09
CA TYR B 171 -31.73 13.24 6.78
C TYR B 171 -30.44 13.47 7.56
N THR B 172 -30.02 12.50 8.36
CA THR B 172 -28.74 12.68 9.09
C THR B 172 -27.81 11.50 8.81
N CYS B 173 -26.59 11.87 8.48
CA CYS B 173 -25.46 10.95 8.34
C CYS B 173 -24.77 10.86 9.69
N GLN B 174 -24.59 9.66 10.21
CA GLN B 174 -23.94 9.42 11.53
C GLN B 174 -22.64 8.67 11.33
N VAL B 175 -21.56 9.16 11.91
CA VAL B 175 -20.24 8.50 11.75
C VAL B 175 -19.75 8.05 13.12
N GLU B 176 -19.36 6.77 13.23
CA GLU B 176 -18.64 6.26 14.40
C GLU B 176 -17.26 5.80 13.95
N HIS B 177 -16.25 6.10 14.77
CA HIS B 177 -14.83 5.92 14.41
C HIS B 177 -14.01 5.90 15.69
N PRO B 178 -12.90 5.10 15.75
CA PRO B 178 -12.09 5.02 16.98
C PRO B 178 -11.55 6.36 17.49
N SER B 179 -11.44 7.37 16.62
CA SER B 179 -10.89 8.71 16.97
C SER B 179 -11.90 9.54 17.77
N LEU B 180 -13.19 9.18 17.71
CA LEU B 180 -14.30 10.03 18.23
C LEU B 180 -14.72 9.58 19.63
N THR B 181 -15.09 10.50 20.50
CA THR B 181 -15.59 10.14 21.84
C THR B 181 -17.09 9.79 21.72
N SER B 182 -17.77 10.32 20.72
CA SER B 182 -19.22 10.06 20.49
C SER B 182 -19.51 10.27 19.02
N PRO B 183 -20.64 9.76 18.50
CA PRO B 183 -20.93 9.88 17.07
C PRO B 183 -20.87 11.33 16.57
N LEU B 184 -20.29 11.47 15.40
CA LEU B 184 -20.40 12.68 14.55
C LEU B 184 -21.68 12.62 13.76
N THR B 185 -22.51 13.66 13.81
CA THR B 185 -23.69 13.72 12.93
C THR B 185 -23.64 14.97 12.07
N VAL B 186 -24.13 14.83 10.86
CA VAL B 186 -24.38 15.96 9.93
C VAL B 186 -25.77 15.77 9.35
N GLU B 187 -26.60 16.82 9.46
CA GLU B 187 -28.03 16.83 9.06
C GLU B 187 -28.14 17.50 7.70
N TRP B 188 -29.11 17.07 6.91
CA TRP B 188 -29.59 17.75 5.67
C TRP B 188 -31.10 17.85 5.82
N ARG B 189 -31.64 19.07 5.93
CA ARG B 189 -33.11 19.30 5.99
C ARG B 189 -33.57 19.57 4.56
N ALA B 190 -34.58 18.85 4.10
CA ALA B 190 -34.99 18.79 2.68
C ALA B 190 -35.21 20.22 2.14
N ALA C 1 14.56 5.26 18.94
CA ALA C 1 14.27 3.81 18.72
C ALA C 1 14.36 3.49 17.22
N GLY C 2 15.05 2.39 16.87
CA GLY C 2 15.33 1.97 15.49
C GLY C 2 14.51 0.76 15.07
N PHE C 3 13.88 0.81 13.90
CA PHE C 3 13.29 -0.38 13.25
C PHE C 3 14.46 -1.32 12.92
N ALA C 4 14.26 -2.62 13.12
CA ALA C 4 15.20 -3.67 12.71
C ALA C 4 14.73 -4.23 11.36
N GLY C 5 15.60 -4.23 10.37
CA GLY C 5 15.36 -4.91 9.09
C GLY C 5 15.75 -6.36 9.20
N GLU C 6 14.98 -7.25 8.59
CA GLU C 6 15.25 -8.71 8.63
C GLU C 6 16.14 -9.04 7.43
N GLN C 7 17.24 -9.74 7.69
CA GLN C 7 18.20 -10.21 6.67
C GLN C 7 17.64 -11.48 6.02
N GLY C 8 18.16 -11.84 4.85
CA GLY C 8 17.79 -13.06 4.11
C GLY C 8 19.04 -13.81 3.69
N PRO C 9 18.98 -15.16 3.57
CA PRO C 9 20.10 -15.92 3.00
C PRO C 9 20.27 -15.83 1.48
N ALA C 10 21.50 -16.06 1.02
CA ALA C 10 21.88 -16.30 -0.39
C ALA C 10 21.28 -17.64 -0.82
N GLY C 11 20.82 -17.75 -2.06
CA GLY C 11 20.17 -18.95 -2.63
C GLY C 11 21.18 -19.96 -3.18
N GLU C 12 20.69 -21.14 -3.59
CA GLU C 12 21.49 -22.30 -4.08
C GLU C 12 21.60 -22.23 -5.60
N PRO C 13 22.81 -21.96 -6.18
CA PRO C 13 23.01 -21.98 -7.63
C PRO C 13 22.46 -23.25 -8.32
C1 NAG D . 14.61 -24.07 -21.83
C2 NAG D . 14.31 -25.58 -21.95
C3 NAG D . 14.75 -25.98 -23.36
C4 NAG D . 14.00 -25.19 -24.41
C5 NAG D . 14.35 -23.72 -24.27
C6 NAG D . 13.64 -22.87 -25.35
C7 NAG D . 14.88 -26.59 -19.68
C8 NAG D . 15.64 -27.74 -19.07
N2 NAG D . 15.01 -26.48 -21.02
O3 NAG D . 14.57 -27.38 -23.57
O4 NAG D . 14.41 -25.68 -25.69
O5 NAG D . 14.05 -23.31 -22.92
O6 NAG D . 12.49 -22.17 -24.87
O7 NAG D . 14.21 -25.87 -18.96
H1 NAG D . 15.70 -23.97 -21.86
H2 NAG D . 13.23 -25.73 -21.87
H3 NAG D . 15.82 -25.74 -23.45
H4 NAG D . 12.92 -25.33 -24.28
H5 NAG D . 15.44 -23.62 -24.43
H61 NAG D . 13.34 -23.51 -26.18
H62 NAG D . 14.36 -22.14 -25.74
H81 NAG D . 16.68 -27.55 -19.15
H82 NAG D . 15.38 -27.84 -18.05
H83 NAG D . 15.41 -28.63 -19.58
HN2 NAG D . 15.62 -27.14 -21.46
HO3 NAG D . 14.80 -27.56 -24.48
HO4 NAG D . 14.13 -24.88 -26.41
HO6 NAG D . 11.85 -22.18 -25.70
C1 NAG E . 9.16 5.35 -19.64
C2 NAG E . 9.13 4.03 -20.42
C3 NAG E . 10.54 3.64 -20.87
C4 NAG E . 11.26 4.78 -21.59
C5 NAG E . 11.20 6.11 -20.85
C6 NAG E . 11.60 7.21 -21.85
C7 NAG E . 7.43 2.39 -19.72
C8 NAG E . 7.04 1.39 -18.67
N2 NAG E . 8.64 2.93 -19.60
O3 NAG E . 10.47 2.47 -21.71
O4 NAG E . 12.65 4.44 -21.62
O5 NAG E . 9.91 6.41 -20.29
O6 NAG E . 11.53 8.52 -21.25
O7 NAG E . 6.66 2.76 -20.57
H1 NAG E . 9.67 5.13 -18.69
H2 NAG E . 8.50 4.16 -21.32
H3 NAG E . 11.13 3.39 -19.98
H4 NAG E . 10.86 4.89 -22.61
H5 NAG E . 11.94 6.09 -20.05
H61 NAG E . 10.94 7.17 -22.72
H62 NAG E . 12.61 7.03 -22.20
H81 NAG E . 6.66 1.89 -17.82
H82 NAG E . 6.30 0.74 -19.06
H83 NAG E . 7.89 0.82 -18.38
HN2 NAG E . 9.26 2.60 -18.87
HO3 NAG E . 11.44 2.16 -21.74
HO4 NAG E . 13.19 5.07 -22.03
HO6 NAG E . 12.16 9.13 -21.55
#